data_5T6X
#
_entry.id   5T6X
#
_cell.length_a   50.527
_cell.length_b   81.667
_cell.length_c   109.614
_cell.angle_alpha   90.00
_cell.angle_beta   90.00
_cell.angle_gamma   90.00
#
_symmetry.space_group_name_H-M   'P 21 21 21'
#
loop_
_entity.id
_entity.type
_entity.pdbx_description
1 polymer 'HLA class I histocompatibility antigen, B-57 alpha chain'
2 polymer Beta-2-microglobulin
3 polymer 'Decapeptide: THR-SER-THR-THR-SER-VAL-ALA-SER-SER-TRP'
4 non-polymer GLYCEROL
5 water water
#
loop_
_entity_poly.entity_id
_entity_poly.type
_entity_poly.pdbx_seq_one_letter_code
_entity_poly.pdbx_strand_id
1 'polypeptide(L)'
;GSHSMRYFYTAMSRPGRGEPRFIAVGYVDDTQFVRFDSDAASPRMAPRAPWIEQEGPEYWDGETRNMKASAQTYRENLRI
ALRYYNQSEAGSHIIQVMYGCDVGPDGRLLRGHDQSAYDGKDYIALNEDLSSWTAADTAAQITQRKWEAARVAEQLRAYL
EGLCVEWLRRYLENGKETLQRADPPKTHVTHHPISDHEATLRCWALGFYPAEITLTWQRDGEDQTQDTELVETRPAGDRT
FQKWAAVVVPSGEEQRYTCHVQHEGLPKPLTLRWEP
;
A
2 'polypeptide(L)'
;IQRTPKIQVYSRHPAENGKSNFLNCYVSGFHPSDIEVDLLKNGERIEKVEHSDLSFSKDWSFYLLYYTEFTPTEKDEYAC
RVNHVTLSQPKIVKWDRDM
;
B
3 'polypeptide(L)' TSTTSVASSW C
#
loop_
_chem_comp.id
_chem_comp.type
_chem_comp.name
_chem_comp.formula
GOL non-polymer GLYCEROL 'C3 H8 O3'
#
# COMPACT_ATOMS: atom_id res chain seq x y z
N GLY A 1 7.02 20.18 -2.30
CA GLY A 1 7.69 19.03 -2.86
C GLY A 1 6.92 18.50 -4.01
N SER A 2 7.26 17.30 -4.42
CA SER A 2 6.60 16.68 -5.55
C SER A 2 5.54 15.76 -5.05
N HIS A 3 4.57 15.49 -5.89
CA HIS A 3 3.43 14.76 -5.47
C HIS A 3 2.94 13.88 -6.56
N SER A 4 2.16 12.87 -6.19
CA SER A 4 1.62 11.93 -7.14
C SER A 4 0.14 11.68 -6.85
N MET A 5 -0.61 11.38 -7.89
CA MET A 5 -1.96 10.84 -7.72
C MET A 5 -1.96 9.46 -8.36
N ARG A 6 -2.51 8.48 -7.65
CA ARG A 6 -2.56 7.11 -8.13
C ARG A 6 -3.90 6.49 -7.89
N TYR A 7 -4.43 5.83 -8.90
CA TYR A 7 -5.60 4.98 -8.68
C TYR A 7 -5.23 3.52 -8.85
N PHE A 8 -5.86 2.66 -8.05
CA PHE A 8 -5.54 1.24 -8.05
C PHE A 8 -6.82 0.45 -8.24
N TYR A 9 -6.88 -0.37 -9.29
CA TYR A 9 -8.04 -1.26 -9.50
C TYR A 9 -7.63 -2.69 -9.23
N THR A 10 -8.51 -3.42 -8.55
CA THR A 10 -8.40 -4.87 -8.43
C THR A 10 -9.73 -5.54 -8.80
N ALA A 11 -9.66 -6.44 -9.78
CA ALA A 11 -10.81 -7.19 -10.26
C ALA A 11 -10.54 -8.66 -10.00
N MET A 12 -11.40 -9.32 -9.24
CA MET A 12 -11.12 -10.71 -8.89
CA MET A 12 -11.14 -10.70 -8.83
C MET A 12 -12.31 -11.62 -9.14
N SER A 13 -12.10 -12.59 -10.05
CA SER A 13 -13.15 -13.55 -10.30
C SER A 13 -13.24 -14.58 -9.18
N ARG A 14 -14.38 -15.26 -9.13
CA ARG A 14 -14.65 -16.19 -8.06
C ARG A 14 -15.74 -17.12 -8.57
N PRO A 15 -15.40 -18.02 -9.51
CA PRO A 15 -16.43 -18.84 -10.13
C PRO A 15 -17.25 -19.60 -9.10
N GLY A 16 -18.57 -19.54 -9.23
CA GLY A 16 -19.46 -20.24 -8.34
C GLY A 16 -19.92 -19.35 -7.21
N ARG A 17 -19.29 -18.19 -7.07
CA ARG A 17 -19.62 -17.29 -5.98
C ARG A 17 -19.97 -15.90 -6.51
N GLY A 18 -20.64 -15.89 -7.64
CA GLY A 18 -21.15 -14.67 -8.26
C GLY A 18 -20.15 -14.03 -9.21
N GLU A 19 -20.45 -12.80 -9.59
CA GLU A 19 -19.62 -12.04 -10.53
C GLU A 19 -18.36 -11.51 -9.87
N PRO A 20 -17.35 -11.15 -10.70
CA PRO A 20 -16.11 -10.70 -10.10
C PRO A 20 -16.24 -9.42 -9.26
N ARG A 21 -15.50 -9.39 -8.16
CA ARG A 21 -15.47 -8.22 -7.32
C ARG A 21 -14.54 -7.18 -7.95
N PHE A 22 -14.97 -5.92 -7.92
CA PHE A 22 -14.12 -4.83 -8.43
C PHE A 22 -13.95 -3.80 -7.32
N ILE A 23 -12.70 -3.55 -6.91
CA ILE A 23 -12.38 -2.50 -5.91
C ILE A 23 -11.40 -1.48 -6.49
N ALA A 24 -11.73 -0.21 -6.32
CA ALA A 24 -10.86 0.88 -6.71
C ALA A 24 -10.54 1.74 -5.51
N VAL A 25 -9.28 2.11 -5.38
CA VAL A 25 -8.89 3.07 -4.36
C VAL A 25 -8.08 4.17 -5.02
N GLY A 26 -8.21 5.39 -4.51
CA GLY A 26 -7.46 6.50 -5.05
C GLY A 26 -6.58 7.09 -3.96
N TYR A 27 -5.38 7.51 -4.34
CA TYR A 27 -4.40 8.10 -3.43
C TYR A 27 -3.84 9.40 -3.97
N VAL A 28 -3.57 10.35 -3.08
CA VAL A 28 -2.62 11.42 -3.36
C VAL A 28 -1.44 11.17 -2.42
N ASP A 29 -0.25 10.98 -3.00
CA ASP A 29 0.91 10.50 -2.26
C ASP A 29 0.56 9.27 -1.43
N ASP A 30 0.78 9.32 -0.12
CA ASP A 30 0.46 8.20 0.76
C ASP A 30 -0.85 8.37 1.51
N THR A 31 -1.75 9.21 0.98
CA THR A 31 -3.05 9.45 1.59
C THR A 31 -4.18 8.96 0.73
N GLN A 32 -4.92 7.96 1.21
CA GLN A 32 -6.07 7.46 0.43
C GLN A 32 -7.23 8.45 0.51
N PHE A 33 -7.91 8.71 -0.59
CA PHE A 33 -9.00 9.69 -0.53
C PHE A 33 -10.33 9.22 -1.11
N VAL A 34 -10.33 8.18 -1.96
CA VAL A 34 -11.59 7.57 -2.37
C VAL A 34 -11.53 6.04 -2.40
N ARG A 35 -12.69 5.40 -2.34
CA ARG A 35 -12.83 3.95 -2.55
C ARG A 35 -14.13 3.65 -3.28
N PHE A 36 -14.10 2.60 -4.10
CA PHE A 36 -15.28 1.99 -4.70
C PHE A 36 -15.16 0.49 -4.50
N ASP A 37 -16.23 -0.16 -4.09
CA ASP A 37 -16.23 -1.60 -3.85
C ASP A 37 -17.54 -2.15 -4.39
N SER A 38 -17.49 -2.99 -5.41
CA SER A 38 -18.73 -3.54 -5.98
C SER A 38 -19.48 -4.45 -5.01
N ASP A 39 -18.80 -4.97 -3.99
CA ASP A 39 -19.47 -5.81 -3.01
C ASP A 39 -20.20 -5.01 -1.93
N ALA A 40 -20.05 -3.68 -1.93
CA ALA A 40 -20.75 -2.86 -0.94
C ALA A 40 -22.26 -2.92 -1.10
N ALA A 41 -22.99 -2.70 0.00
CA ALA A 41 -24.45 -2.72 -0.01
C ALA A 41 -24.99 -1.78 -1.08
N SER A 42 -24.45 -0.57 -1.12
CA SER A 42 -24.80 0.38 -2.17
C SER A 42 -23.51 0.94 -2.77
N PRO A 43 -22.99 0.30 -3.84
CA PRO A 43 -21.66 0.65 -4.37
C PRO A 43 -21.61 2.07 -4.91
N ARG A 44 -20.72 2.87 -4.37
CA ARG A 44 -20.53 4.23 -4.85
C ARG A 44 -19.07 4.60 -4.64
N MET A 45 -18.55 5.50 -5.46
CA MET A 45 -17.29 6.12 -5.10
C MET A 45 -17.54 6.92 -3.82
N ALA A 46 -16.69 6.68 -2.82
CA ALA A 46 -16.93 7.21 -1.48
C ALA A 46 -15.71 7.88 -0.88
N PRO A 47 -15.90 9.00 -0.15
CA PRO A 47 -14.77 9.74 0.44
C PRO A 47 -14.02 8.93 1.49
N ARG A 48 -12.70 9.11 1.55
CA ARG A 48 -11.87 8.47 2.57
C ARG A 48 -10.89 9.48 3.15
N ALA A 49 -11.07 10.74 2.78
CA ALA A 49 -10.26 11.83 3.32
C ALA A 49 -11.16 13.05 3.45
N PRO A 50 -11.04 13.80 4.55
CA PRO A 50 -11.97 14.91 4.76
C PRO A 50 -11.94 15.97 3.66
N TRP A 51 -10.79 16.17 3.03
CA TRP A 51 -10.65 17.24 2.03
C TRP A 51 -11.33 16.96 0.69
N ILE A 52 -11.68 15.71 0.43
CA ILE A 52 -12.42 15.37 -0.78
C ILE A 52 -13.91 15.57 -0.56
N GLU A 53 -14.34 15.62 0.69
CA GLU A 53 -15.77 15.63 1.00
C GLU A 53 -16.51 16.84 0.43
N GLN A 54 -15.80 17.95 0.31
CA GLN A 54 -16.38 19.17 -0.25
C GLN A 54 -16.72 19.08 -1.73
N GLU A 55 -16.32 17.99 -2.40
CA GLU A 55 -16.74 17.80 -3.79
C GLU A 55 -18.24 17.57 -3.80
N GLY A 56 -18.92 18.19 -4.76
CA GLY A 56 -20.37 18.11 -4.83
C GLY A 56 -20.89 16.82 -5.46
N PRO A 57 -22.24 16.68 -5.50
CA PRO A 57 -22.92 15.50 -6.02
C PRO A 57 -22.57 15.13 -7.46
N GLU A 58 -22.28 16.12 -8.30
CA GLU A 58 -21.90 15.86 -9.68
C GLU A 58 -20.57 15.10 -9.75
N TYR A 59 -19.66 15.47 -8.86
CA TYR A 59 -18.40 14.74 -8.74
C TYR A 59 -18.65 13.27 -8.39
N TRP A 60 -19.40 13.03 -7.32
CA TRP A 60 -19.59 11.67 -6.84
C TRP A 60 -20.40 10.83 -7.81
N ASP A 61 -21.40 11.43 -8.44
CA ASP A 61 -22.12 10.74 -9.51
C ASP A 61 -21.20 10.38 -10.67
N GLY A 62 -20.37 11.34 -11.08
CA GLY A 62 -19.45 11.11 -12.19
C GLY A 62 -18.50 9.97 -11.90
N GLU A 63 -17.84 10.02 -10.75
CA GLU A 63 -16.91 8.99 -10.34
C GLU A 63 -17.59 7.64 -10.16
N THR A 64 -18.78 7.62 -9.56
CA THR A 64 -19.49 6.37 -9.37
C THR A 64 -19.85 5.74 -10.72
N ARG A 65 -20.38 6.54 -11.64
CA ARG A 65 -20.78 5.99 -12.94
C ARG A 65 -19.58 5.39 -13.66
N ASN A 66 -18.45 6.08 -13.57
CA ASN A 66 -17.20 5.62 -14.17
C ASN A 66 -16.72 4.30 -13.55
N MET A 67 -16.86 4.16 -12.23
CA MET A 67 -16.42 2.94 -11.57
C MET A 67 -17.32 1.76 -11.94
N LYS A 68 -18.61 2.03 -12.12
CA LYS A 68 -19.53 0.96 -12.47
C LYS A 68 -19.24 0.49 -13.89
N ALA A 69 -18.97 1.44 -14.77
CA ALA A 69 -18.57 1.13 -16.15
C ALA A 69 -17.26 0.34 -16.18
N SER A 70 -16.25 0.86 -15.48
CA SER A 70 -14.97 0.19 -15.40
C SER A 70 -15.14 -1.24 -14.83
N ALA A 71 -15.98 -1.41 -13.80
CA ALA A 71 -16.17 -2.72 -13.20
C ALA A 71 -16.70 -3.71 -14.24
N GLN A 72 -17.58 -3.24 -15.13
CA GLN A 72 -18.14 -4.09 -16.18
CA GLN A 72 -18.14 -4.09 -16.18
C GLN A 72 -17.05 -4.49 -17.16
N THR A 73 -16.27 -3.50 -17.59
CA THR A 73 -15.17 -3.70 -18.53
C THR A 73 -14.18 -4.73 -17.98
N TYR A 74 -13.81 -4.60 -16.71
CA TYR A 74 -12.81 -5.49 -16.15
C TYR A 74 -13.36 -6.88 -15.87
N ARG A 75 -14.67 -6.99 -15.67
CA ARG A 75 -15.28 -8.32 -15.57
C ARG A 75 -15.17 -9.04 -16.93
N GLU A 76 -15.40 -8.30 -18.01
CA GLU A 76 -15.20 -8.84 -19.34
C GLU A 76 -13.72 -9.13 -19.61
N ASN A 77 -12.84 -8.25 -19.12
CA ASN A 77 -11.41 -8.48 -19.29
C ASN A 77 -10.97 -9.79 -18.66
N LEU A 78 -11.58 -10.12 -17.53
CA LEU A 78 -11.28 -11.36 -16.82
C LEU A 78 -11.67 -12.54 -17.70
N ARG A 79 -12.82 -12.44 -18.38
CA ARG A 79 -13.25 -13.51 -19.29
C ARG A 79 -12.31 -13.60 -20.48
N ILE A 80 -11.95 -12.44 -21.00
CA ILE A 80 -11.03 -12.41 -22.15
C ILE A 80 -9.67 -13.02 -21.80
N ALA A 81 -9.17 -12.73 -20.61
CA ALA A 81 -7.88 -13.26 -20.16
C ALA A 81 -7.90 -14.78 -20.09
N LEU A 82 -9.05 -15.34 -19.73
CA LEU A 82 -9.18 -16.79 -19.68
C LEU A 82 -8.86 -17.40 -21.03
N ARG A 83 -9.40 -16.80 -22.09
CA ARG A 83 -9.17 -17.32 -23.42
C ARG A 83 -7.73 -17.04 -23.90
N TYR A 84 -7.17 -15.93 -23.46
CA TYR A 84 -5.81 -15.61 -23.91
C TYR A 84 -4.81 -16.60 -23.30
N TYR A 85 -5.12 -17.12 -22.13
CA TYR A 85 -4.18 -18.04 -21.49
C TYR A 85 -4.68 -19.49 -21.45
N ASN A 86 -5.74 -19.78 -22.21
CA ASN A 86 -6.25 -21.15 -22.32
C ASN A 86 -6.62 -21.72 -20.96
N GLN A 87 -7.25 -20.90 -20.14
CA GLN A 87 -7.52 -21.28 -18.78
C GLN A 87 -8.96 -21.74 -18.57
N SER A 88 -9.16 -22.59 -17.58
CA SER A 88 -10.50 -23.13 -17.32
C SER A 88 -11.35 -22.08 -16.63
N GLU A 89 -12.65 -22.34 -16.54
CA GLU A 89 -13.57 -21.38 -15.94
C GLU A 89 -13.80 -21.66 -14.46
N ALA A 90 -13.06 -22.61 -13.90
CA ALA A 90 -13.23 -22.98 -12.50
C ALA A 90 -12.26 -22.24 -11.59
N GLY A 91 -11.26 -21.59 -12.18
CA GLY A 91 -10.25 -20.91 -11.37
C GLY A 91 -10.58 -19.47 -11.04
N SER A 92 -10.06 -19.00 -9.91
CA SER A 92 -10.11 -17.58 -9.57
C SER A 92 -8.89 -16.85 -10.10
N HIS A 93 -9.11 -15.67 -10.68
CA HIS A 93 -8.03 -14.88 -11.27
C HIS A 93 -8.20 -13.42 -10.91
N ILE A 94 -7.10 -12.66 -11.02
CA ILE A 94 -7.08 -11.27 -10.60
C ILE A 94 -6.45 -10.37 -11.65
N ILE A 95 -7.15 -9.28 -12.00
CA ILE A 95 -6.54 -8.21 -12.79
C ILE A 95 -6.25 -7.03 -11.89
N GLN A 96 -5.05 -6.47 -12.00
CA GLN A 96 -4.73 -5.26 -11.24
C GLN A 96 -4.30 -4.15 -12.18
N VAL A 97 -4.67 -2.92 -11.85
CA VAL A 97 -4.28 -1.77 -12.65
C VAL A 97 -3.79 -0.68 -11.72
N MET A 98 -2.67 -0.04 -12.05
CA MET A 98 -2.33 1.21 -11.37
C MET A 98 -2.05 2.25 -12.43
N TYR A 99 -2.59 3.45 -12.23
CA TYR A 99 -2.32 4.58 -13.13
C TYR A 99 -2.36 5.90 -12.42
N GLY A 100 -1.74 6.92 -13.02
CA GLY A 100 -1.78 8.24 -12.42
C GLY A 100 -0.65 9.12 -12.88
N CYS A 101 -0.44 10.23 -12.18
CA CYS A 101 0.52 11.22 -12.61
C CYS A 101 1.37 11.74 -11.46
N ASP A 102 2.62 12.04 -11.76
CA ASP A 102 3.49 12.69 -10.79
C ASP A 102 3.78 14.12 -11.24
N VAL A 103 3.73 15.06 -10.31
CA VAL A 103 4.07 16.44 -10.61
C VAL A 103 5.18 16.92 -9.70
N GLY A 104 5.86 17.98 -10.11
CA GLY A 104 6.91 18.56 -9.29
C GLY A 104 6.35 19.67 -8.44
N PRO A 105 7.24 20.37 -7.71
CA PRO A 105 6.91 21.56 -6.91
C PRO A 105 6.06 22.59 -7.65
N ASP A 106 6.27 22.71 -8.96
CA ASP A 106 5.59 23.71 -9.76
C ASP A 106 4.24 23.23 -10.31
N GLY A 107 3.96 21.95 -10.10
CA GLY A 107 2.72 21.36 -10.55
C GLY A 107 2.75 20.89 -12.00
N ARG A 108 3.91 20.99 -12.64
CA ARG A 108 4.05 20.50 -14.00
C ARG A 108 4.25 18.98 -14.01
N LEU A 109 3.69 18.33 -15.04
CA LEU A 109 3.79 16.88 -15.17
C LEU A 109 5.23 16.39 -15.20
N LEU A 110 5.56 15.51 -14.27
CA LEU A 110 6.86 14.86 -14.27
C LEU A 110 6.80 13.59 -15.12
N ARG A 111 5.80 12.76 -14.86
CA ARG A 111 5.64 11.54 -15.64
C ARG A 111 4.25 10.97 -15.37
N GLY A 112 3.74 10.22 -16.36
CA GLY A 112 2.48 9.51 -16.22
C GLY A 112 2.71 8.00 -16.13
N HIS A 113 1.74 7.29 -15.59
CA HIS A 113 1.83 5.84 -15.42
C HIS A 113 0.50 5.19 -15.83
N ASP A 114 0.56 3.98 -16.42
CA ASP A 114 -0.63 3.18 -16.64
C ASP A 114 -0.17 1.73 -16.82
N GLN A 115 -0.26 0.94 -15.76
CA GLN A 115 0.29 -0.41 -15.74
C GLN A 115 -0.76 -1.41 -15.31
N SER A 116 -0.76 -2.58 -15.95
CA SER A 116 -1.72 -3.62 -15.61
C SER A 116 -1.04 -4.98 -15.36
N ALA A 117 -1.69 -5.81 -14.55
CA ALA A 117 -1.22 -7.14 -14.23
C ALA A 117 -2.33 -8.17 -14.31
N TYR A 118 -1.93 -9.42 -14.54
CA TYR A 118 -2.83 -10.54 -14.50
C TYR A 118 -2.20 -11.58 -13.62
N ASP A 119 -2.96 -11.99 -12.60
CA ASP A 119 -2.51 -12.91 -11.56
C ASP A 119 -1.18 -12.53 -10.95
N GLY A 120 -1.01 -11.23 -10.70
CA GLY A 120 0.16 -10.74 -10.00
C GLY A 120 1.42 -10.56 -10.83
N LYS A 121 1.34 -10.83 -12.13
CA LYS A 121 2.46 -10.67 -13.07
C LYS A 121 2.22 -9.54 -14.07
N ASP A 122 3.26 -8.77 -14.39
CA ASP A 122 3.14 -7.72 -15.42
C ASP A 122 2.33 -8.23 -16.61
N TYR A 123 1.38 -7.44 -17.10
CA TYR A 123 0.65 -7.80 -18.30
C TYR A 123 0.95 -6.82 -19.42
N ILE A 124 0.57 -5.56 -19.22
CA ILE A 124 0.88 -4.55 -20.22
C ILE A 124 1.07 -3.22 -19.52
N ALA A 125 2.06 -2.45 -19.97
CA ALA A 125 2.33 -1.16 -19.37
C ALA A 125 2.45 -0.06 -20.42
N LEU A 126 1.94 1.12 -20.12
CA LEU A 126 2.16 2.28 -20.97
C LEU A 126 3.55 2.82 -20.72
N ASN A 127 4.33 3.01 -21.80
CA ASN A 127 5.68 3.47 -21.63
C ASN A 127 5.67 4.94 -21.22
N GLU A 128 6.81 5.40 -20.73
CA GLU A 128 6.94 6.75 -20.24
C GLU A 128 6.58 7.78 -21.30
N ASP A 129 6.78 7.43 -22.58
CA ASP A 129 6.42 8.34 -23.67
C ASP A 129 4.91 8.57 -23.77
N LEU A 130 4.13 7.78 -23.05
CA LEU A 130 2.67 7.82 -23.09
C LEU A 130 2.16 7.72 -24.54
N SER A 131 2.85 6.92 -25.35
CA SER A 131 2.47 6.73 -26.75
C SER A 131 2.67 5.29 -27.24
N SER A 132 3.57 4.55 -26.58
CA SER A 132 3.80 3.15 -26.95
C SER A 132 3.62 2.23 -25.76
N TRP A 133 3.59 0.92 -26.02
CA TRP A 133 3.28 -0.08 -24.99
C TRP A 133 4.38 -1.10 -24.81
N THR A 134 4.44 -1.65 -23.60
CA THR A 134 5.26 -2.81 -23.32
C THR A 134 4.35 -3.95 -22.87
N ALA A 135 4.29 -5.01 -23.69
CA ALA A 135 3.48 -6.19 -23.40
C ALA A 135 4.39 -7.28 -22.87
N ALA A 136 3.96 -7.94 -21.79
CA ALA A 136 4.84 -8.87 -21.07
C ALA A 136 4.91 -10.25 -21.70
N ASP A 137 3.91 -10.58 -22.51
CA ASP A 137 3.86 -11.89 -23.15
C ASP A 137 2.99 -11.86 -24.40
N THR A 138 2.80 -13.02 -25.02
CA THR A 138 2.05 -13.05 -26.27
C THR A 138 0.54 -12.80 -26.08
N ALA A 139 0.01 -13.06 -24.88
CA ALA A 139 -1.36 -12.68 -24.58
C ALA A 139 -1.53 -11.16 -24.59
N ALA A 140 -0.66 -10.49 -23.85
CA ALA A 140 -0.76 -9.03 -23.77
C ALA A 140 -0.47 -8.35 -25.11
N GLN A 141 0.28 -9.04 -25.96
CA GLN A 141 0.49 -8.56 -27.31
C GLN A 141 -0.81 -8.43 -28.10
N ILE A 142 -1.76 -9.34 -27.85
CA ILE A 142 -3.08 -9.22 -28.45
C ILE A 142 -3.82 -7.96 -27.97
N THR A 143 -3.79 -7.69 -26.67
CA THR A 143 -4.34 -6.44 -26.14
C THR A 143 -3.62 -5.24 -26.72
N GLN A 144 -2.30 -5.32 -26.80
CA GLN A 144 -1.51 -4.22 -27.38
C GLN A 144 -1.97 -3.86 -28.79
N ARG A 145 -2.15 -4.87 -29.63
CA ARG A 145 -2.65 -4.66 -31.00
C ARG A 145 -4.00 -3.97 -31.01
N LYS A 146 -4.90 -4.43 -30.15
CA LYS A 146 -6.20 -3.79 -29.99
C LYS A 146 -6.11 -2.34 -29.56
N TRP A 147 -5.26 -2.07 -28.57
CA TRP A 147 -5.04 -0.69 -28.09
C TRP A 147 -4.35 0.22 -29.10
N GLU A 148 -3.46 -0.34 -29.90
CA GLU A 148 -2.81 0.45 -30.95
C GLU A 148 -3.87 0.83 -31.97
N ALA A 149 -4.70 -0.12 -32.36
CA ALA A 149 -5.73 0.15 -33.36
C ALA A 149 -6.68 1.24 -32.87
N ALA A 150 -6.93 1.28 -31.57
CA ALA A 150 -7.94 2.16 -31.01
C ALA A 150 -7.31 3.44 -30.46
N ARG A 151 -6.02 3.62 -30.70
CA ARG A 151 -5.25 4.78 -30.22
C ARG A 151 -5.58 5.07 -28.75
N VAL A 152 -5.55 4.01 -27.95
CA VAL A 152 -5.80 4.09 -26.53
C VAL A 152 -4.71 4.90 -25.82
N ALA A 153 -3.46 4.81 -26.30
CA ALA A 153 -2.37 5.51 -25.65
C ALA A 153 -2.55 7.01 -25.78
N GLU A 154 -3.11 7.43 -26.90
CA GLU A 154 -3.37 8.84 -27.16
C GLU A 154 -4.41 9.36 -26.17
N GLN A 155 -5.44 8.54 -25.91
CA GLN A 155 -6.47 8.88 -24.95
C GLN A 155 -5.90 9.01 -23.54
N LEU A 156 -5.09 8.03 -23.13
CA LEU A 156 -4.46 8.04 -21.80
C LEU A 156 -3.57 9.26 -21.63
N ARG A 157 -2.78 9.56 -22.66
CA ARG A 157 -1.88 10.69 -22.62
C ARG A 157 -2.65 11.97 -22.34
N ALA A 158 -3.79 12.12 -23.01
CA ALA A 158 -4.60 13.34 -22.85
C ALA A 158 -5.06 13.47 -21.42
N TYR A 159 -5.40 12.33 -20.84
CA TYR A 159 -5.88 12.31 -19.47
C TYR A 159 -4.73 12.60 -18.51
N LEU A 160 -3.57 12.00 -18.77
CA LEU A 160 -2.45 12.09 -17.84
C LEU A 160 -1.82 13.48 -17.83
N GLU A 161 -1.80 14.13 -18.99
CA GLU A 161 -1.27 15.48 -19.10
C GLU A 161 -2.28 16.51 -18.66
N GLY A 162 -3.57 16.16 -18.70
CA GLY A 162 -4.64 17.12 -18.55
C GLY A 162 -5.36 16.98 -17.24
N LEU A 163 -6.46 16.24 -17.27
CA LEU A 163 -7.30 16.05 -16.09
C LEU A 163 -6.55 15.53 -14.87
N CYS A 164 -5.62 14.59 -15.08
CA CYS A 164 -4.93 13.97 -13.96
C CYS A 164 -4.15 15.01 -13.14
N VAL A 165 -3.38 15.83 -13.83
CA VAL A 165 -2.56 16.86 -13.20
C VAL A 165 -3.45 18.00 -12.68
N GLU A 166 -4.53 18.30 -13.38
CA GLU A 166 -5.44 19.37 -12.95
C GLU A 166 -6.13 19.00 -11.63
N TRP A 167 -6.62 17.77 -11.55
CA TRP A 167 -7.29 17.30 -10.35
C TRP A 167 -6.32 17.16 -9.19
N LEU A 168 -5.13 16.64 -9.48
CA LEU A 168 -4.08 16.56 -8.46
C LEU A 168 -3.76 17.95 -7.88
N ARG A 169 -3.55 18.96 -8.73
CA ARG A 169 -3.28 20.30 -8.22
C ARG A 169 -4.41 20.82 -7.34
N ARG A 170 -5.64 20.49 -7.71
CA ARG A 170 -6.81 20.94 -6.96
C ARG A 170 -6.86 20.27 -5.58
N TYR A 171 -6.67 18.95 -5.55
CA TYR A 171 -6.60 18.20 -4.31
C TYR A 171 -5.48 18.71 -3.40
N LEU A 172 -4.30 18.96 -3.97
CA LEU A 172 -3.19 19.49 -3.18
C LEU A 172 -3.55 20.82 -2.51
N GLU A 173 -4.37 21.64 -3.16
CA GLU A 173 -4.79 22.91 -2.58
C GLU A 173 -5.86 22.67 -1.52
N ASN A 174 -6.86 21.88 -1.86
CA ASN A 174 -7.94 21.59 -0.92
C ASN A 174 -7.43 20.89 0.35
N GLY A 175 -6.42 20.05 0.20
CA GLY A 175 -5.81 19.38 1.34
C GLY A 175 -4.45 19.92 1.74
N LYS A 176 -4.21 21.22 1.57
CA LYS A 176 -2.85 21.72 1.74
C LYS A 176 -2.36 21.61 3.19
N GLU A 177 -3.27 21.59 4.16
CA GLU A 177 -2.83 21.50 5.55
C GLU A 177 -2.25 20.12 5.90
N THR A 178 -2.53 19.11 5.09
CA THR A 178 -2.07 17.76 5.34
C THR A 178 -1.22 17.18 4.19
N LEU A 179 -1.70 17.31 2.96
CA LEU A 179 -0.95 16.79 1.83
C LEU A 179 0.37 17.52 1.62
N GLN A 180 0.39 18.80 1.98
CA GLN A 180 1.60 19.60 1.78
C GLN A 180 2.34 19.80 3.10
N ARG A 181 2.12 18.89 4.03
CA ARG A 181 2.86 18.92 5.30
C ARG A 181 3.61 17.62 5.49
N ALA A 182 4.91 17.70 5.69
CA ALA A 182 5.71 16.54 6.02
C ALA A 182 5.90 16.51 7.53
N ASP A 183 5.66 15.36 8.13
CA ASP A 183 5.93 15.14 9.53
C ASP A 183 7.22 14.35 9.65
N PRO A 184 8.23 14.94 10.28
CA PRO A 184 9.50 14.23 10.47
C PRO A 184 9.37 13.07 11.43
N PRO A 185 10.28 12.09 11.30
CA PRO A 185 10.23 10.96 12.21
C PRO A 185 10.63 11.31 13.62
N LYS A 186 10.01 10.65 14.58
CA LYS A 186 10.47 10.68 15.97
C LYS A 186 11.41 9.49 16.13
N THR A 187 12.66 9.73 16.53
CA THR A 187 13.64 8.64 16.44
C THR A 187 14.30 8.31 17.76
N HIS A 188 14.67 7.05 17.94
CA HIS A 188 15.46 6.63 19.10
C HIS A 188 16.10 5.28 18.85
N VAL A 189 17.11 4.95 19.65
CA VAL A 189 17.81 3.68 19.51
C VAL A 189 17.63 2.86 20.76
N THR A 190 17.23 1.61 20.59
CA THR A 190 17.11 0.69 21.71
C THR A 190 18.28 -0.29 21.69
N HIS A 191 18.57 -0.91 22.82
CA HIS A 191 19.70 -1.80 22.97
C HIS A 191 19.31 -3.03 23.78
N HIS A 192 19.56 -4.21 23.23
CA HIS A 192 19.24 -5.45 23.91
C HIS A 192 20.33 -6.48 23.71
N PRO A 193 20.96 -6.92 24.80
CA PRO A 193 21.90 -8.03 24.73
C PRO A 193 21.23 -9.30 24.21
N ILE A 194 21.94 -10.02 23.36
CA ILE A 194 21.50 -11.31 22.85
C ILE A 194 22.15 -12.39 23.70
N SER A 195 23.44 -12.19 23.94
CA SER A 195 24.28 -13.11 24.69
C SER A 195 25.23 -12.29 25.54
N ASP A 196 26.22 -12.97 26.11
CA ASP A 196 27.27 -12.30 26.86
C ASP A 196 28.12 -11.42 25.96
N HIS A 197 28.15 -11.70 24.65
CA HIS A 197 29.07 -10.99 23.78
C HIS A 197 28.43 -10.34 22.55
N GLU A 198 27.10 -10.36 22.46
CA GLU A 198 26.43 -9.64 21.37
C GLU A 198 25.20 -8.92 21.87
N ALA A 199 24.89 -7.79 21.24
CA ALA A 199 23.65 -7.07 21.54
C ALA A 199 22.99 -6.57 20.26
N THR A 200 21.67 -6.40 20.32
CA THR A 200 20.92 -5.81 19.22
C THR A 200 20.78 -4.29 19.40
N LEU A 201 21.19 -3.53 18.40
CA LEU A 201 20.85 -2.11 18.34
C LEU A 201 19.72 -1.94 17.32
N ARG A 202 18.61 -1.38 17.77
CA ARG A 202 17.48 -1.14 16.87
C ARG A 202 17.19 0.35 16.73
N CYS A 203 17.24 0.85 15.50
CA CYS A 203 16.97 2.25 15.24
C CYS A 203 15.52 2.45 14.81
N TRP A 204 14.79 3.26 15.58
CA TRP A 204 13.36 3.45 15.39
C TRP A 204 13.03 4.81 14.75
N ALA A 205 12.03 4.78 13.88
CA ALA A 205 11.44 5.98 13.28
C ALA A 205 9.91 5.86 13.39
N LEU A 206 9.28 6.78 14.11
CA LEU A 206 7.84 6.78 14.33
C LEU A 206 7.18 8.09 13.90
N GLY A 207 5.90 8.03 13.54
CA GLY A 207 5.09 9.22 13.35
C GLY A 207 5.43 10.08 12.14
N PHE A 208 6.05 9.50 11.12
CA PHE A 208 6.44 10.30 9.98
C PHE A 208 5.48 10.16 8.79
N TYR A 209 5.46 11.21 7.97
CA TYR A 209 4.69 11.31 6.75
C TYR A 209 5.47 12.22 5.82
N PRO A 210 5.62 11.86 4.53
CA PRO A 210 5.11 10.66 3.86
C PRO A 210 5.92 9.41 4.19
N ALA A 211 5.59 8.28 3.55
CA ALA A 211 6.14 6.98 3.93
C ALA A 211 7.62 6.82 3.58
N GLU A 212 8.07 7.50 2.54
CA GLU A 212 9.46 7.40 2.08
C GLU A 212 10.45 7.85 3.16
N ILE A 213 11.40 6.97 3.46
CA ILE A 213 12.38 7.19 4.51
C ILE A 213 13.58 6.29 4.26
N THR A 214 14.72 6.65 4.82
CA THR A 214 15.89 5.79 4.78
C THR A 214 16.50 5.69 6.17
N LEU A 215 16.59 4.46 6.68
CA LEU A 215 17.29 4.16 7.92
C LEU A 215 18.50 3.32 7.59
N THR A 216 19.69 3.78 7.95
CA THR A 216 20.88 2.98 7.71
C THR A 216 21.74 2.90 8.96
N TRP A 217 22.37 1.75 9.17
CA TRP A 217 23.35 1.59 10.24
C TRP A 217 24.74 1.67 9.66
N GLN A 218 25.61 2.43 10.31
CA GLN A 218 27.02 2.44 9.94
C GLN A 218 27.86 1.89 11.08
N ARG A 219 28.90 1.13 10.73
CA ARG A 219 29.91 0.71 11.68
C ARG A 219 31.22 1.33 11.27
N ASP A 220 31.81 2.14 12.15
CA ASP A 220 33.02 2.90 11.82
C ASP A 220 32.82 3.67 10.52
N GLY A 221 31.61 4.15 10.29
CA GLY A 221 31.33 5.04 9.16
C GLY A 221 31.05 4.34 7.83
N GLU A 222 31.06 3.02 7.84
CA GLU A 222 30.71 2.25 6.65
C GLU A 222 29.33 1.64 6.76
N ASP A 223 28.52 1.79 5.71
CA ASP A 223 27.18 1.19 5.67
C ASP A 223 27.22 -0.31 5.97
N GLN A 224 26.28 -0.77 6.79
CA GLN A 224 26.16 -2.19 7.13
C GLN A 224 24.94 -2.79 6.43
N THR A 225 24.79 -2.46 5.15
CA THR A 225 23.62 -2.86 4.37
C THR A 225 23.34 -4.34 4.46
N GLN A 226 24.35 -5.15 4.16
CA GLN A 226 24.21 -6.59 4.17
C GLN A 226 23.93 -7.11 5.57
N ASP A 227 24.39 -6.38 6.58
CA ASP A 227 24.26 -6.83 7.96
C ASP A 227 23.06 -6.25 8.71
N THR A 228 22.24 -5.44 8.05
CA THR A 228 21.13 -4.78 8.73
C THR A 228 19.78 -5.45 8.48
N GLU A 229 19.03 -5.72 9.55
CA GLU A 229 17.67 -6.21 9.39
C GLU A 229 16.72 -5.03 9.31
N LEU A 230 16.04 -4.94 8.17
CA LEU A 230 15.24 -3.76 7.83
C LEU A 230 13.78 -4.17 7.63
N VAL A 231 12.90 -3.73 8.52
CA VAL A 231 11.50 -4.13 8.44
C VAL A 231 10.78 -3.19 7.45
N GLU A 232 9.70 -3.70 6.85
CA GLU A 232 8.90 -2.92 5.91
C GLU A 232 8.25 -1.72 6.59
N THR A 233 8.31 -0.57 5.92
CA THR A 233 7.63 0.61 6.42
C THR A 233 6.15 0.28 6.60
N ARG A 234 5.59 0.69 7.73
CA ARG A 234 4.25 0.22 8.11
C ARG A 234 3.36 1.38 8.59
N PRO A 235 2.05 1.30 8.30
CA PRO A 235 1.15 2.40 8.68
C PRO A 235 0.74 2.32 10.14
N ALA A 236 0.70 3.46 10.81
CA ALA A 236 0.30 3.48 12.23
C ALA A 236 -1.21 3.53 12.36
N GLY A 237 -1.87 4.13 11.37
CA GLY A 237 -3.32 4.17 11.36
C GLY A 237 -3.84 5.56 11.69
N ASP A 238 -2.92 6.50 11.89
CA ASP A 238 -3.27 7.91 12.10
C ASP A 238 -2.73 8.77 10.98
N ARG A 239 -2.52 8.17 9.81
CA ARG A 239 -1.86 8.77 8.61
C ARG A 239 -0.35 8.56 8.58
N THR A 240 0.29 8.42 9.73
CA THR A 240 1.75 8.32 9.78
C THR A 240 2.29 6.92 9.59
N PHE A 241 3.61 6.83 9.43
CA PHE A 241 4.25 5.55 9.20
C PHE A 241 5.32 5.28 10.24
N GLN A 242 5.78 4.04 10.27
CA GLN A 242 6.79 3.57 11.20
C GLN A 242 7.79 2.66 10.48
N LYS A 243 9.02 2.61 10.99
CA LYS A 243 10.03 1.72 10.44
C LYS A 243 11.13 1.54 11.49
N TRP A 244 11.79 0.39 11.49
CA TRP A 244 13.01 0.26 12.25
C TRP A 244 14.08 -0.52 11.50
N ALA A 245 15.32 -0.31 11.93
CA ALA A 245 16.48 -0.98 11.36
C ALA A 245 17.35 -1.53 12.47
N ALA A 246 17.77 -2.78 12.34
CA ALA A 246 18.47 -3.41 13.44
C ALA A 246 19.75 -4.10 13.01
N VAL A 247 20.72 -4.04 13.90
CA VAL A 247 22.01 -4.67 13.70
C VAL A 247 22.48 -5.37 14.98
N VAL A 248 23.17 -6.49 14.79
CA VAL A 248 23.75 -7.26 15.88
C VAL A 248 25.22 -6.89 15.98
N VAL A 249 25.59 -6.34 17.14
CA VAL A 249 26.93 -5.81 17.36
C VAL A 249 27.64 -6.55 18.50
N PRO A 250 28.98 -6.60 18.46
CA PRO A 250 29.72 -7.20 19.58
C PRO A 250 29.59 -6.35 20.85
N SER A 251 29.38 -6.97 21.99
CA SER A 251 29.33 -6.23 23.25
C SER A 251 30.58 -5.38 23.45
N GLY A 252 30.37 -4.11 23.75
CA GLY A 252 31.49 -3.21 23.97
C GLY A 252 31.84 -2.36 22.76
N GLU A 253 31.20 -2.64 21.62
CA GLU A 253 31.47 -1.89 20.39
C GLU A 253 30.30 -1.00 19.99
N GLU A 254 29.35 -0.82 20.91
CA GLU A 254 28.11 -0.14 20.57
C GLU A 254 28.33 1.28 20.03
N GLN A 255 29.32 1.99 20.56
CA GLN A 255 29.50 3.39 20.16
C GLN A 255 30.16 3.52 18.78
N ARG A 256 30.56 2.40 18.20
CA ARG A 256 31.11 2.43 16.86
C ARG A 256 30.00 2.40 15.81
N TYR A 257 28.76 2.36 16.29
CA TYR A 257 27.61 2.27 15.40
C TYR A 257 26.78 3.53 15.42
N THR A 258 26.43 4.02 14.24
CA THR A 258 25.56 5.19 14.14
C THR A 258 24.40 4.87 13.22
N CYS A 259 23.22 5.34 13.60
CA CYS A 259 22.04 5.22 12.77
C CYS A 259 21.84 6.50 12.01
N HIS A 260 21.50 6.37 10.74
CA HIS A 260 21.36 7.52 9.88
C HIS A 260 19.97 7.55 9.30
N VAL A 261 19.33 8.72 9.39
CA VAL A 261 17.93 8.86 9.03
C VAL A 261 17.75 9.95 8.00
N GLN A 262 17.08 9.62 6.91
CA GLN A 262 16.75 10.62 5.90
C GLN A 262 15.24 10.63 5.69
N HIS A 263 14.67 11.82 5.71
CA HIS A 263 13.25 11.99 5.50
C HIS A 263 12.97 13.41 5.05
N GLU A 264 11.98 13.56 4.19
CA GLU A 264 11.62 14.84 3.62
C GLU A 264 11.36 15.89 4.68
N GLY A 265 10.85 15.48 5.84
CA GLY A 265 10.52 16.40 6.92
C GLY A 265 11.72 16.87 7.73
N LEU A 266 12.87 16.25 7.50
CA LEU A 266 14.11 16.68 8.13
C LEU A 266 14.88 17.64 7.23
N PRO A 267 15.22 18.82 7.75
CA PRO A 267 16.05 19.79 7.03
C PRO A 267 17.43 19.21 6.75
N LYS A 268 17.92 18.35 7.63
CA LYS A 268 19.20 17.68 7.44
C LYS A 268 19.14 16.26 7.97
N PRO A 269 19.88 15.34 7.34
CA PRO A 269 19.89 13.95 7.82
C PRO A 269 20.34 13.87 9.27
N LEU A 270 19.67 13.01 10.04
CA LEU A 270 20.00 12.83 11.45
C LEU A 270 21.00 11.72 11.64
N THR A 271 21.85 11.87 12.64
CA THR A 271 22.74 10.79 13.07
C THR A 271 22.42 10.49 14.54
N LEU A 272 22.07 9.23 14.86
CA LEU A 272 21.88 8.88 16.26
C LEU A 272 22.74 7.71 16.69
N ARG A 273 22.92 7.62 18.01
CA ARG A 273 23.69 6.58 18.67
C ARG A 273 22.86 6.04 19.82
N TRP A 274 23.23 4.86 20.32
CA TRP A 274 22.65 4.37 21.56
C TRP A 274 23.20 5.20 22.72
N GLU A 275 22.37 5.48 23.71
CA GLU A 275 22.83 6.22 24.89
C GLU A 275 22.85 5.35 26.16
N ILE B 1 3.32 -18.35 -8.53
CA ILE B 1 2.10 -17.59 -8.81
C ILE B 1 1.49 -17.07 -7.52
N GLN B 2 1.89 -17.64 -6.38
CA GLN B 2 1.36 -17.20 -5.08
C GLN B 2 2.48 -16.71 -4.17
N ARG B 3 2.13 -15.75 -3.31
CA ARG B 3 3.09 -15.14 -2.38
C ARG B 3 2.50 -15.11 -0.97
N THR B 4 3.29 -15.52 0.00
CA THR B 4 2.81 -15.69 1.36
C THR B 4 2.91 -14.35 2.10
N PRO B 5 1.95 -14.08 3.00
CA PRO B 5 1.94 -12.77 3.67
C PRO B 5 3.12 -12.55 4.61
N LYS B 6 3.65 -11.33 4.61
CA LYS B 6 4.48 -10.83 5.70
C LYS B 6 3.57 -10.27 6.77
N ILE B 7 3.98 -10.38 8.03
CA ILE B 7 3.11 -10.00 9.14
C ILE B 7 3.86 -9.15 10.17
N GLN B 8 3.29 -7.99 10.51
CA GLN B 8 3.81 -7.20 11.64
C GLN B 8 2.69 -6.87 12.61
N VAL B 9 2.95 -7.09 13.90
CA VAL B 9 1.98 -6.78 14.95
C VAL B 9 2.60 -5.70 15.82
N TYR B 10 1.85 -4.61 16.02
CA TYR B 10 2.43 -3.43 16.67
C TYR B 10 1.36 -2.43 17.11
N SER B 11 1.73 -1.48 17.95
CA SER B 11 0.75 -0.51 18.41
C SER B 11 0.91 0.85 17.69
N ARG B 12 -0.16 1.63 17.66
CA ARG B 12 -0.13 2.90 16.96
C ARG B 12 0.83 3.88 17.63
N HIS B 13 0.79 3.90 18.96
CA HIS B 13 1.69 4.71 19.79
C HIS B 13 2.50 3.76 20.68
N PRO B 14 3.66 4.21 21.20
CA PRO B 14 4.34 3.37 22.20
C PRO B 14 3.35 3.00 23.32
N ALA B 15 3.41 1.78 23.82
CA ALA B 15 2.40 1.32 24.78
C ALA B 15 2.72 1.75 26.20
N GLU B 16 1.70 2.25 26.88
CA GLU B 16 1.72 2.49 28.32
C GLU B 16 0.49 1.86 28.96
N ASN B 17 0.74 0.99 29.95
CA ASN B 17 -0.33 0.32 30.67
C ASN B 17 -1.40 1.30 31.14
N GLY B 18 -2.67 0.96 30.91
CA GLY B 18 -3.75 1.83 31.33
C GLY B 18 -4.07 2.96 30.37
N LYS B 19 -3.18 3.21 29.42
CA LYS B 19 -3.43 4.23 28.42
C LYS B 19 -3.94 3.64 27.11
N SER B 20 -5.05 4.17 26.62
CA SER B 20 -5.68 3.65 25.41
C SER B 20 -4.79 3.85 24.17
N ASN B 21 -4.86 2.87 23.26
CA ASN B 21 -3.94 2.78 22.12
C ASN B 21 -4.69 2.07 20.99
N PHE B 22 -4.02 1.77 19.88
CA PHE B 22 -4.60 0.86 18.89
C PHE B 22 -3.66 -0.30 18.65
N LEU B 23 -4.23 -1.50 18.56
CA LEU B 23 -3.46 -2.69 18.22
C LEU B 23 -3.53 -2.88 16.71
N ASN B 24 -2.37 -2.98 16.06
CA ASN B 24 -2.31 -3.15 14.60
C ASN B 24 -1.77 -4.50 14.18
N CYS B 25 -2.34 -5.07 13.11
CA CYS B 25 -1.69 -6.16 12.42
C CYS B 25 -1.68 -5.82 10.95
N TYR B 26 -0.47 -5.67 10.42
CA TYR B 26 -0.24 -5.29 9.04
C TYR B 26 0.19 -6.51 8.26
N VAL B 27 -0.61 -6.87 7.26
CA VAL B 27 -0.24 -7.98 6.39
C VAL B 27 0.06 -7.46 5.00
N SER B 28 1.15 -7.94 4.41
CA SER B 28 1.61 -7.38 3.16
C SER B 28 2.38 -8.40 2.32
N GLY B 29 2.66 -8.06 1.07
CA GLY B 29 3.42 -8.93 0.21
C GLY B 29 2.73 -10.20 -0.24
N PHE B 30 1.43 -10.30 -0.07
CA PHE B 30 0.75 -11.55 -0.42
C PHE B 30 -0.05 -11.47 -1.71
N HIS B 31 -0.22 -12.64 -2.32
CA HIS B 31 -0.99 -12.80 -3.54
C HIS B 31 -1.42 -14.26 -3.59
N PRO B 32 -2.71 -14.53 -3.86
CA PRO B 32 -3.83 -13.64 -4.14
C PRO B 32 -4.35 -12.89 -2.91
N SER B 33 -5.47 -12.20 -3.04
CA SER B 33 -5.90 -11.22 -2.04
C SER B 33 -6.74 -11.76 -0.89
N ASP B 34 -7.41 -12.88 -1.10
CA ASP B 34 -8.18 -13.50 -0.03
C ASP B 34 -7.24 -13.78 1.12
N ILE B 35 -7.59 -13.27 2.28
CA ILE B 35 -6.82 -13.50 3.49
C ILE B 35 -7.72 -13.41 4.73
N GLU B 36 -7.39 -14.18 5.76
CA GLU B 36 -8.16 -14.15 6.99
C GLU B 36 -7.25 -13.69 8.12
N VAL B 37 -7.63 -12.61 8.77
CA VAL B 37 -6.85 -12.05 9.87
C VAL B 37 -7.70 -11.85 11.11
N ASP B 38 -7.19 -12.38 12.21
CA ASP B 38 -7.79 -12.18 13.53
C ASP B 38 -6.77 -11.52 14.47
N LEU B 39 -7.25 -10.60 15.28
CA LEU B 39 -6.43 -10.09 16.37
C LEU B 39 -6.87 -10.84 17.63
N LEU B 40 -5.89 -11.23 18.43
CA LEU B 40 -6.14 -12.09 19.59
C LEU B 40 -5.80 -11.37 20.89
N LYS B 41 -6.71 -11.49 21.86
CA LYS B 41 -6.45 -11.03 23.23
C LYS B 41 -6.46 -12.25 24.13
N ASN B 42 -5.29 -12.58 24.68
CA ASN B 42 -5.12 -13.82 25.46
C ASN B 42 -5.70 -15.03 24.74
N GLY B 43 -5.40 -15.14 23.45
CA GLY B 43 -5.79 -16.32 22.69
C GLY B 43 -7.19 -16.25 22.10
N GLU B 44 -7.95 -15.23 22.50
CA GLU B 44 -9.35 -15.12 22.04
C GLU B 44 -9.51 -14.06 20.96
N ARG B 45 -10.27 -14.40 19.92
CA ARG B 45 -10.52 -13.50 18.80
C ARG B 45 -11.25 -12.25 19.25
N ILE B 46 -10.70 -11.10 18.89
CA ILE B 46 -11.29 -9.81 19.21
C ILE B 46 -12.41 -9.50 18.22
N GLU B 47 -13.58 -9.10 18.73
CA GLU B 47 -14.74 -8.92 17.85
C GLU B 47 -14.68 -7.61 17.08
N LYS B 48 -14.29 -6.55 17.76
CA LYS B 48 -14.21 -5.23 17.15
C LYS B 48 -12.86 -5.14 16.46
N VAL B 49 -12.85 -5.39 15.14
CA VAL B 49 -11.65 -5.24 14.35
CA VAL B 49 -11.65 -5.25 14.34
C VAL B 49 -11.97 -4.72 12.94
N GLU B 50 -11.55 -3.50 12.67
CA GLU B 50 -11.75 -2.90 11.36
C GLU B 50 -10.52 -3.15 10.48
N HIS B 51 -10.66 -2.88 9.19
CA HIS B 51 -9.50 -3.02 8.32
C HIS B 51 -9.51 -2.02 7.18
N SER B 52 -8.33 -1.71 6.64
CA SER B 52 -8.20 -0.78 5.52
C SER B 52 -8.78 -1.34 4.23
N ASP B 53 -8.96 -0.47 3.23
CA ASP B 53 -9.41 -0.92 1.91
C ASP B 53 -8.29 -1.61 1.17
N LEU B 54 -8.61 -2.68 0.46
CA LEU B 54 -7.60 -3.44 -0.26
C LEU B 54 -6.80 -2.58 -1.24
N SER B 55 -5.48 -2.58 -1.08
CA SER B 55 -4.62 -1.92 -2.03
C SER B 55 -3.43 -2.81 -2.32
N PHE B 56 -2.51 -2.32 -3.14
CA PHE B 56 -1.35 -3.12 -3.45
C PHE B 56 -0.13 -2.29 -3.78
N SER B 57 1.01 -2.97 -3.75
CA SER B 57 2.31 -2.34 -3.91
C SER B 57 2.73 -2.40 -5.37
N LYS B 58 3.87 -1.79 -5.65
CA LYS B 58 4.37 -1.74 -7.03
C LYS B 58 4.63 -3.11 -7.62
N ASP B 59 4.80 -4.13 -6.77
CA ASP B 59 5.07 -5.47 -7.30
C ASP B 59 3.80 -6.30 -7.35
N TRP B 60 2.67 -5.59 -7.24
CA TRP B 60 1.33 -6.17 -7.34
C TRP B 60 0.89 -6.95 -6.09
N SER B 61 1.76 -7.05 -5.09
CA SER B 61 1.38 -7.80 -3.89
C SER B 61 0.48 -6.93 -3.02
N PHE B 62 -0.51 -7.56 -2.39
CA PHE B 62 -1.52 -6.86 -1.61
C PHE B 62 -1.09 -6.54 -0.18
N TYR B 63 -1.70 -5.51 0.39
CA TYR B 63 -1.53 -5.21 1.80
C TYR B 63 -2.81 -4.71 2.46
N LEU B 64 -2.96 -5.03 3.74
CA LEU B 64 -4.12 -4.66 4.55
C LEU B 64 -3.67 -4.35 5.97
N LEU B 65 -4.27 -3.33 6.57
CA LEU B 65 -4.06 -3.04 7.98
C LEU B 65 -5.31 -3.41 8.77
N TYR B 66 -5.19 -4.36 9.70
CA TYR B 66 -6.27 -4.66 10.63
C TYR B 66 -5.96 -3.97 11.96
N TYR B 67 -6.98 -3.40 12.61
CA TYR B 67 -6.75 -2.64 13.82
C TYR B 67 -7.94 -2.61 14.73
N THR B 68 -7.66 -2.31 15.99
CA THR B 68 -8.67 -2.25 17.01
C THR B 68 -8.17 -1.39 18.17
N GLU B 69 -9.07 -0.62 18.77
CA GLU B 69 -8.74 0.19 19.93
C GLU B 69 -8.56 -0.72 21.14
N PHE B 70 -7.55 -0.45 21.96
CA PHE B 70 -7.26 -1.34 23.08
C PHE B 70 -6.42 -0.65 24.14
N THR B 71 -6.50 -1.15 25.37
CA THR B 71 -5.78 -0.59 26.49
C THR B 71 -4.84 -1.63 27.07
N PRO B 72 -3.53 -1.46 26.84
CA PRO B 72 -2.54 -2.44 27.29
C PRO B 72 -2.48 -2.55 28.82
N THR B 73 -2.29 -3.77 29.30
CA THR B 73 -1.94 -4.03 30.70
C THR B 73 -0.71 -4.94 30.68
N GLU B 74 -0.07 -5.16 31.82
CA GLU B 74 1.01 -6.15 31.87
C GLU B 74 0.44 -7.55 31.84
N LYS B 75 -0.87 -7.65 32.10
CA LYS B 75 -1.52 -8.94 32.21
C LYS B 75 -1.82 -9.54 30.85
N ASP B 76 -2.51 -8.77 30.02
CA ASP B 76 -3.02 -9.24 28.73
C ASP B 76 -1.93 -9.34 27.68
N GLU B 77 -1.95 -10.43 26.92
CA GLU B 77 -1.02 -10.56 25.81
C GLU B 77 -1.81 -10.60 24.50
N TYR B 78 -1.20 -10.07 23.44
CA TYR B 78 -1.91 -9.90 22.19
C TYR B 78 -1.15 -10.56 21.06
N ALA B 79 -1.88 -10.90 20.00
CA ALA B 79 -1.29 -11.54 18.84
C ALA B 79 -2.17 -11.37 17.62
N CYS B 80 -1.59 -11.69 16.47
CA CYS B 80 -2.28 -11.64 15.20
C CYS B 80 -2.19 -13.01 14.56
N ARG B 81 -3.34 -13.56 14.22
CA ARG B 81 -3.43 -14.88 13.58
C ARG B 81 -3.83 -14.72 12.12
N VAL B 82 -3.01 -15.21 11.22
CA VAL B 82 -3.22 -15.01 9.80
C VAL B 82 -3.29 -16.32 9.04
N ASN B 83 -4.30 -16.45 8.17
CA ASN B 83 -4.32 -17.56 7.22
C ASN B 83 -4.41 -17.08 5.79
N HIS B 84 -3.78 -17.84 4.90
CA HIS B 84 -3.68 -17.54 3.49
C HIS B 84 -3.57 -18.87 2.76
N VAL B 85 -3.91 -18.90 1.47
CA VAL B 85 -3.85 -20.14 0.71
C VAL B 85 -2.44 -20.75 0.77
N THR B 86 -1.43 -19.90 0.87
CA THR B 86 -0.03 -20.35 0.96
C THR B 86 0.33 -21.00 2.30
N LEU B 87 -0.53 -20.87 3.30
CA LEU B 87 -0.23 -21.40 4.63
C LEU B 87 -1.03 -22.65 4.98
N SER B 88 -0.32 -23.69 5.37
CA SER B 88 -0.94 -24.96 5.77
C SER B 88 -1.80 -24.77 7.01
N GLN B 89 -1.22 -24.15 8.02
CA GLN B 89 -1.91 -23.81 9.26
C GLN B 89 -1.84 -22.32 9.46
N PRO B 90 -2.78 -21.74 10.22
CA PRO B 90 -2.67 -20.31 10.52
C PRO B 90 -1.36 -19.98 11.21
N LYS B 91 -0.85 -18.79 10.92
CA LYS B 91 0.40 -18.31 11.47
C LYS B 91 0.09 -17.30 12.56
N ILE B 92 0.67 -17.49 13.74
CA ILE B 92 0.38 -16.57 14.85
C ILE B 92 1.61 -15.79 15.25
N VAL B 93 1.49 -14.47 15.23
CA VAL B 93 2.59 -13.58 15.56
C VAL B 93 2.25 -12.83 16.84
N LYS B 94 3.07 -12.99 17.85
CA LYS B 94 2.85 -12.33 19.13
C LYS B 94 3.34 -10.89 19.10
N TRP B 95 2.59 -9.99 19.75
CA TRP B 95 3.03 -8.61 19.89
C TRP B 95 4.10 -8.51 20.97
N ASP B 96 5.26 -7.96 20.60
CA ASP B 96 6.39 -7.84 21.52
C ASP B 96 6.48 -6.39 21.96
N ARG B 97 6.08 -6.09 23.20
CA ARG B 97 5.97 -4.69 23.62
C ARG B 97 7.24 -4.10 24.23
N ASP B 98 8.33 -4.87 24.20
CA ASP B 98 9.65 -4.31 24.52
C ASP B 98 10.20 -3.83 23.17
N MET B 99 9.28 -3.69 22.22
CA MET B 99 9.50 -2.93 21.00
C MET B 99 8.15 -2.36 20.57
N THR C 1 -13.98 13.57 -15.29
CA THR C 1 -13.81 12.72 -14.12
C THR C 1 -12.37 12.82 -13.59
N SER C 2 -12.20 12.54 -12.29
CA SER C 2 -10.87 12.47 -11.70
C SER C 2 -10.18 11.14 -12.05
N THR C 3 -10.91 10.03 -11.89
CA THR C 3 -10.48 8.78 -12.51
C THR C 3 -10.51 8.95 -14.02
N THR C 4 -9.84 8.08 -14.76
CA THR C 4 -9.96 8.15 -16.21
C THR C 4 -11.18 7.35 -16.66
N SER C 5 -11.82 7.82 -17.72
CA SER C 5 -12.95 7.09 -18.30
C SER C 5 -12.47 6.30 -19.51
N VAL C 6 -11.16 6.33 -19.74
CA VAL C 6 -10.58 5.54 -20.81
C VAL C 6 -10.40 4.10 -20.34
N ALA C 7 -11.39 3.26 -20.64
CA ALA C 7 -11.29 1.84 -20.38
C ALA C 7 -11.54 1.09 -21.67
N SER C 8 -10.48 0.56 -22.26
CA SER C 8 -10.62 -0.20 -23.51
C SER C 8 -10.42 -1.68 -23.26
N SER C 9 -11.25 -2.51 -23.90
CA SER C 9 -11.25 -3.94 -23.63
C SER C 9 -9.85 -4.52 -23.82
N TRP C 10 -9.53 -5.52 -23.01
CA TRP C 10 -8.36 -6.36 -23.28
C TRP C 10 -8.55 -7.14 -24.58
C1 GOL D . 1.50 5.63 -2.90
O1 GOL D . 0.86 5.53 -4.14
C2 GOL D . 1.02 4.51 -1.97
O2 GOL D . 0.90 4.97 -0.65
C3 GOL D . -0.29 3.91 -2.46
O3 GOL D . -0.30 2.55 -2.06
#